data_7FW0
#
_entry.id   7FW0
#
_cell.length_a   32.445
_cell.length_b   53.800
_cell.length_c   74.905
_cell.angle_alpha   90.000
_cell.angle_beta   90.000
_cell.angle_gamma   90.000
#
_symmetry.space_group_name_H-M   'P 21 21 21'
#
loop_
_entity.id
_entity.type
_entity.pdbx_description
1 polymer 'Fatty acid-binding protein, adipocyte'
2 non-polymer '(2S)-3-methyl-2-[(2,4,5-trichlorophenyl)sulfanyl]butanoic acid'
3 non-polymer 'SULFATE ION'
4 non-polymer '(2R)-3-methyl-2-[(2,4,5-trichlorophenyl)sulfanyl]butanoic acid'
5 non-polymer 'FORMIC ACID'
6 water water
#
_entity_poly.entity_id   1
_entity_poly.type   'polypeptide(L)'
_entity_poly.pdbx_seq_one_letter_code
;GSHMCDAFVGTWKLVSSENFDDYMKEVGVGFATRKVAGMAKPNMIISVNGDVITIKSESTFKNTEISFILGQEFDEVTAD
DRKVKSTITLDGGVLVHVQKWDGKSTTIKRKREDDKLVVECVMKGVTSTRVYERA
;
_entity_poly.pdbx_strand_id   A
#
loop_
_chem_comp.id
_chem_comp.type
_chem_comp.name
_chem_comp.formula
A1CK4 non-polymer '(2R)-3-methyl-2-[(2,4,5-trichlorophenyl)sulfanyl]butanoic acid' 'C11 H11 Cl3 O2 S'
FMT non-polymer 'FORMIC ACID' 'C H2 O2'
K0U non-polymer '(2S)-3-methyl-2-[(2,4,5-trichlorophenyl)sulfanyl]butanoic acid' 'C11 H11 Cl3 O2 S'
SO4 non-polymer 'SULFATE ION' 'O4 S -2'
#
# COMPACT_ATOMS: atom_id res chain seq x y z
N HIS A 3 1.63 -20.55 3.86
CA HIS A 3 1.24 -19.81 5.10
C HIS A 3 2.06 -18.55 5.32
N MET A 4 2.68 -18.13 4.22
CA MET A 4 3.63 -16.97 4.23
CA MET A 4 3.61 -16.95 4.13
C MET A 4 3.04 -15.62 4.65
N CYS A 5 1.82 -15.38 4.29
CA CYS A 5 1.24 -14.15 4.64
C CYS A 5 0.08 -14.30 5.54
N ASP A 6 -0.04 -15.38 6.31
CA ASP A 6 -1.29 -15.73 6.94
C ASP A 6 -1.85 -14.64 7.78
N ALA A 7 -0.97 -13.95 8.50
CA ALA A 7 -1.37 -12.90 9.45
C ALA A 7 -1.81 -11.62 8.75
N PHE A 8 -1.53 -11.49 7.45
CA PHE A 8 -2.04 -10.34 6.67
C PHE A 8 -3.42 -10.58 6.06
N VAL A 9 -3.77 -11.83 5.84
CA VAL A 9 -4.94 -12.16 5.10
C VAL A 9 -6.19 -11.65 5.83
N GLY A 10 -7.15 -11.12 5.10
CA GLY A 10 -8.38 -10.70 5.66
C GLY A 10 -8.87 -9.39 5.07
N THR A 11 -9.83 -8.81 5.76
CA THR A 11 -10.42 -7.56 5.34
C THR A 11 -10.15 -6.53 6.41
N TRP A 12 -9.58 -5.42 5.99
CA TRP A 12 -9.06 -4.44 6.90
C TRP A 12 -9.65 -3.07 6.56
N LYS A 13 -9.87 -2.22 7.53
CA LYS A 13 -10.42 -0.89 7.31
C LYS A 13 -9.52 0.18 7.89
N LEU A 14 -9.35 1.26 7.17
CA LEU A 14 -8.49 2.38 7.65
C LEU A 14 -9.08 3.00 8.90
N VAL A 15 -8.27 3.15 9.95
CA VAL A 15 -8.71 3.83 11.14
C VAL A 15 -7.95 5.07 11.49
N SER A 16 -6.72 5.24 11.02
CA SER A 16 -6.01 6.47 11.28
C SER A 16 -4.99 6.71 10.19
N SER A 17 -4.63 7.96 10.03
CA SER A 17 -3.62 8.36 9.06
C SER A 17 -2.87 9.56 9.59
N GLU A 18 -1.57 9.58 9.36
CA GLU A 18 -0.76 10.72 9.72
C GLU A 18 0.18 11.04 8.60
N ASN A 19 0.27 12.31 8.29
CA ASN A 19 1.26 12.84 7.32
CA ASN A 19 1.21 12.91 7.34
C ASN A 19 0.98 12.46 5.90
N PHE A 20 -0.22 11.98 5.58
CA PHE A 20 -0.46 11.45 4.27
C PHE A 20 -0.50 12.54 3.20
N ASP A 21 -1.03 13.73 3.51
CA ASP A 21 -1.03 14.76 2.50
C ASP A 21 0.42 15.11 2.09
N ASP A 22 1.31 15.29 3.06
CA ASP A 22 2.68 15.59 2.75
C ASP A 22 3.37 14.47 1.98
N TYR A 23 3.10 13.22 2.32
CA TYR A 23 3.62 12.10 1.56
C TYR A 23 3.16 12.17 0.12
N MET A 24 1.85 12.40 -0.08
CA MET A 24 1.36 12.51 -1.43
C MET A 24 1.97 13.70 -2.18
N LYS A 25 2.17 14.83 -1.53
CA LYS A 25 2.85 15.96 -2.16
C LYS A 25 4.22 15.54 -2.62
N GLU A 26 4.97 14.83 -1.79
CA GLU A 26 6.33 14.40 -2.15
C GLU A 26 6.30 13.44 -3.35
N VAL A 27 5.29 12.57 -3.43
CA VAL A 27 5.13 11.66 -4.53
C VAL A 27 4.80 12.37 -5.86
N GLY A 28 4.20 13.52 -5.75
CA GLY A 28 3.80 14.34 -6.87
C GLY A 28 2.32 14.35 -7.19
N VAL A 29 1.49 13.93 -6.25
CA VAL A 29 0.05 13.90 -6.44
C VAL A 29 -0.47 15.33 -6.45
N GLY A 30 -1.33 15.64 -7.42
CA GLY A 30 -1.87 16.97 -7.52
C GLY A 30 -2.96 17.26 -6.50
N PHE A 31 -3.27 18.54 -6.38
CA PHE A 31 -4.11 19.05 -5.32
C PHE A 31 -5.42 18.31 -5.23
N ALA A 32 -6.19 18.22 -6.34
CA ALA A 32 -7.54 17.70 -6.22
C ALA A 32 -7.53 16.24 -5.81
N THR A 33 -6.62 15.47 -6.38
CA THR A 33 -6.50 14.07 -6.03
C THR A 33 -6.08 13.94 -4.57
N ARG A 34 -5.14 14.79 -4.10
CA ARG A 34 -4.76 14.70 -2.68
C ARG A 34 -5.97 14.92 -1.78
N LYS A 35 -6.79 15.92 -2.12
CA LYS A 35 -7.90 16.20 -1.23
C LYS A 35 -8.90 15.04 -1.18
N VAL A 36 -9.21 14.51 -2.34
CA VAL A 36 -10.23 13.43 -2.39
C VAL A 36 -9.66 12.10 -1.88
N ALA A 37 -8.43 11.79 -2.26
CA ALA A 37 -7.78 10.59 -1.77
C ALA A 37 -7.55 10.66 -0.26
N GLY A 38 -7.20 11.85 0.23
CA GLY A 38 -6.99 11.98 1.66
C GLY A 38 -8.21 11.80 2.52
N MET A 39 -9.37 12.03 1.91
CA MET A 39 -10.67 11.78 2.54
C MET A 39 -11.07 10.33 2.55
N ALA A 40 -10.50 9.50 1.69
CA ALA A 40 -10.91 8.12 1.48
C ALA A 40 -10.70 7.32 2.80
N LYS A 41 -11.55 6.36 3.01
CA LYS A 41 -11.40 5.42 4.12
C LYS A 41 -11.42 4.01 3.50
N PRO A 42 -10.30 3.58 2.92
CA PRO A 42 -10.33 2.35 2.16
C PRO A 42 -10.51 1.12 3.02
N ASN A 43 -11.10 0.11 2.41
CA ASN A 43 -11.04 -1.27 2.86
C ASN A 43 -10.00 -1.98 2.01
N MET A 44 -9.05 -2.66 2.68
CA MET A 44 -8.02 -3.39 2.03
C MET A 44 -8.29 -4.88 2.28
N ILE A 45 -8.37 -5.62 1.21
CA ILE A 45 -8.70 -7.03 1.25
C ILE A 45 -7.51 -7.82 0.74
N ILE A 46 -6.89 -8.62 1.61
CA ILE A 46 -5.67 -9.35 1.30
C ILE A 46 -6.01 -10.83 1.28
N SER A 47 -5.64 -11.52 0.19
CA SER A 47 -5.85 -12.94 0.07
C SER A 47 -4.67 -13.59 -0.62
N VAL A 48 -4.57 -14.89 -0.42
CA VAL A 48 -3.50 -15.70 -0.99
C VAL A 48 -4.09 -16.93 -1.62
N ASN A 49 -3.61 -17.27 -2.80
CA ASN A 49 -4.01 -18.50 -3.49
C ASN A 49 -2.72 -19.05 -4.06
N GLY A 50 -2.21 -20.12 -3.48
CA GLY A 50 -0.90 -20.67 -3.90
C GLY A 50 0.19 -19.66 -3.64
N ASP A 51 0.96 -19.33 -4.66
CA ASP A 51 1.98 -18.32 -4.57
C ASP A 51 1.52 -16.92 -4.88
N VAL A 52 0.27 -16.75 -5.26
CA VAL A 52 -0.23 -15.45 -5.70
C VAL A 52 -0.93 -14.74 -4.56
N ILE A 53 -0.46 -13.54 -4.25
CA ILE A 53 -1.07 -12.65 -3.26
C ILE A 53 -1.88 -11.64 -4.01
N THR A 54 -3.12 -11.38 -3.55
CA THR A 54 -3.96 -10.35 -4.11
C THR A 54 -4.25 -9.34 -3.02
N ILE A 55 -4.12 -8.06 -3.34
CA ILE A 55 -4.48 -6.95 -2.48
C ILE A 55 -5.47 -6.06 -3.22
N LYS A 56 -6.68 -5.99 -2.71
CA LYS A 56 -7.70 -5.11 -3.24
C LYS A 56 -7.92 -3.97 -2.31
N SER A 57 -8.17 -2.80 -2.88
CA SER A 57 -8.53 -1.68 -2.07
C SER A 57 -9.84 -1.13 -2.65
N GLU A 58 -10.81 -0.95 -1.79
CA GLU A 58 -12.10 -0.37 -2.18
C GLU A 58 -12.36 0.87 -1.39
N SER A 59 -12.72 1.94 -2.08
CA SER A 59 -13.07 3.21 -1.41
C SER A 59 -13.99 3.99 -2.29
N THR A 60 -14.51 5.11 -1.78
CA THR A 60 -15.37 5.95 -2.60
C THR A 60 -14.51 6.65 -3.67
N PHE A 61 -13.19 6.76 -3.48
CA PHE A 61 -12.28 7.42 -4.40
C PHE A 61 -11.96 6.51 -5.60
N LYS A 62 -11.53 5.29 -5.34
CA LYS A 62 -11.12 4.38 -6.38
C LYS A 62 -11.16 2.96 -5.80
N ASN A 63 -11.41 2.00 -6.68
CA ASN A 63 -11.19 0.60 -6.37
C ASN A 63 -10.02 0.12 -7.16
N THR A 64 -9.08 -0.54 -6.51
CA THR A 64 -7.91 -1.10 -7.18
C THR A 64 -7.69 -2.53 -6.77
N GLU A 65 -6.88 -3.21 -7.57
CA GLU A 65 -6.51 -4.58 -7.28
C GLU A 65 -5.13 -4.82 -7.87
N ILE A 66 -4.27 -5.47 -7.09
CA ILE A 66 -3.00 -6.00 -7.55
C ILE A 66 -2.91 -7.46 -7.15
N SER A 67 -2.32 -8.25 -8.05
CA SER A 67 -1.94 -9.61 -7.80
C SER A 67 -0.49 -9.78 -8.18
N PHE A 68 0.26 -10.55 -7.38
CA PHE A 68 1.69 -10.65 -7.53
C PHE A 68 2.22 -11.87 -6.84
N ILE A 69 3.45 -12.20 -7.24
CA ILE A 69 4.26 -13.23 -6.59
C ILE A 69 5.44 -12.49 -5.91
N LEU A 70 5.75 -12.86 -4.68
CA LEU A 70 6.84 -12.21 -3.95
C LEU A 70 8.10 -12.24 -4.76
N GLY A 71 8.77 -11.12 -4.85
CA GLY A 71 10.04 -10.97 -5.52
C GLY A 71 9.98 -10.83 -7.02
N GLN A 72 8.81 -10.83 -7.60
CA GLN A 72 8.64 -10.83 -9.05
C GLN A 72 7.98 -9.51 -9.48
N GLU A 73 8.74 -8.69 -10.17
CA GLU A 73 8.36 -7.36 -10.58
C GLU A 73 7.10 -7.41 -11.44
N PHE A 74 6.29 -6.38 -11.34
CA PHE A 74 5.06 -6.25 -12.14
C PHE A 74 4.82 -4.77 -12.45
N ASP A 75 4.05 -4.54 -13.50
CA ASP A 75 3.67 -3.18 -13.84
CA ASP A 75 3.47 -3.24 -13.83
C ASP A 75 2.31 -2.92 -13.07
N GLU A 76 2.17 -1.69 -12.58
CA GLU A 76 1.07 -1.27 -11.73
C GLU A 76 0.65 0.14 -12.23
N VAL A 77 -0.65 0.39 -12.38
CA VAL A 77 -1.20 1.76 -12.44
C VAL A 77 -1.76 2.02 -11.08
N THR A 78 -1.17 3.00 -10.36
CA THR A 78 -1.56 3.27 -8.99
C THR A 78 -2.85 4.05 -8.90
N ALA A 79 -3.43 4.19 -7.70
CA ALA A 79 -4.68 4.89 -7.54
C ALA A 79 -4.65 6.34 -7.97
N ASP A 80 -3.51 6.98 -7.82
CA ASP A 80 -3.26 8.32 -8.36
C ASP A 80 -2.69 8.39 -9.80
N ASP A 81 -2.78 7.26 -10.51
CA ASP A 81 -2.58 7.15 -11.95
C ASP A 81 -1.13 7.23 -12.37
N ARG A 82 -0.18 6.85 -11.50
CA ARG A 82 1.19 6.66 -11.91
C ARG A 82 1.32 5.31 -12.54
N LYS A 83 2.18 5.22 -13.56
CA LYS A 83 2.53 3.96 -14.18
CA LYS A 83 2.50 3.94 -14.15
C LYS A 83 3.87 3.57 -13.58
N VAL A 84 3.87 2.54 -12.74
CA VAL A 84 5.07 2.20 -11.99
C VAL A 84 5.45 0.75 -12.18
N LYS A 85 6.71 0.47 -11.86
CA LYS A 85 7.17 -0.91 -11.79
CA LYS A 85 7.23 -0.90 -11.81
C LYS A 85 7.37 -1.26 -10.31
N SER A 86 6.66 -2.27 -9.89
CA SER A 86 6.51 -2.63 -8.49
C SER A 86 7.14 -3.98 -8.21
N THR A 87 7.78 -4.08 -7.03
CA THR A 87 8.22 -5.36 -6.51
C THR A 87 7.87 -5.46 -5.07
N ILE A 88 7.24 -6.56 -4.67
CA ILE A 88 6.81 -6.79 -3.30
C ILE A 88 7.47 -8.02 -2.77
N THR A 89 8.14 -7.88 -1.62
CA THR A 89 8.88 -8.93 -0.95
C THR A 89 8.43 -9.01 0.50
N LEU A 90 8.78 -10.10 1.16
CA LEU A 90 8.62 -10.26 2.60
C LEU A 90 10.01 -10.22 3.23
N ASP A 91 10.25 -9.29 4.14
CA ASP A 91 11.56 -9.09 4.78
C ASP A 91 11.33 -9.14 6.24
N GLY A 92 11.75 -10.18 6.90
CA GLY A 92 11.51 -10.25 8.31
C GLY A 92 10.06 -10.08 8.76
N GLY A 93 9.16 -10.68 8.04
CA GLY A 93 7.74 -10.55 8.37
C GLY A 93 7.01 -9.26 7.95
N VAL A 94 7.75 -8.35 7.30
CA VAL A 94 7.23 -7.11 6.77
C VAL A 94 7.08 -7.21 5.28
N LEU A 95 5.87 -6.89 4.77
CA LEU A 95 5.62 -6.83 3.32
CA LEU A 95 5.60 -6.84 3.34
C LEU A 95 6.14 -5.49 2.84
N VAL A 96 7.10 -5.54 1.94
CA VAL A 96 7.79 -4.35 1.45
C VAL A 96 7.47 -4.19 -0.05
N HIS A 97 6.83 -3.08 -0.38
CA HIS A 97 6.39 -2.76 -1.73
C HIS A 97 7.18 -1.58 -2.21
N VAL A 98 8.02 -1.76 -3.24
CA VAL A 98 8.79 -0.69 -3.84
C VAL A 98 8.17 -0.38 -5.19
N GLN A 99 7.97 0.91 -5.45
CA GLN A 99 7.47 1.40 -6.72
C GLN A 99 8.52 2.32 -7.34
N LYS A 100 8.80 2.09 -8.62
CA LYS A 100 9.79 2.85 -9.39
C LYS A 100 9.10 3.46 -10.61
N TRP A 101 9.30 4.76 -10.81
CA TRP A 101 8.80 5.44 -11.97
C TRP A 101 9.53 6.73 -12.17
N ASP A 102 9.85 7.06 -13.42
CA ASP A 102 10.46 8.38 -13.74
C ASP A 102 11.70 8.71 -12.93
N GLY A 103 12.52 7.71 -12.62
CA GLY A 103 13.73 7.88 -11.82
C GLY A 103 13.50 8.07 -10.31
N LYS A 104 12.22 7.97 -9.89
CA LYS A 104 11.80 8.12 -8.51
C LYS A 104 11.50 6.74 -7.92
N SER A 105 11.41 6.73 -6.61
CA SER A 105 11.09 5.50 -5.87
C SER A 105 10.34 5.86 -4.59
N THR A 106 9.37 5.02 -4.27
CA THR A 106 8.72 5.06 -2.97
C THR A 106 8.57 3.65 -2.46
N THR A 107 8.57 3.53 -1.12
CA THR A 107 8.44 2.27 -0.44
C THR A 107 7.29 2.29 0.52
N ILE A 108 6.45 1.27 0.44
CA ILE A 108 5.33 1.07 1.32
C ILE A 108 5.50 -0.22 2.06
N LYS A 109 5.58 -0.15 3.38
CA LYS A 109 5.78 -1.31 4.22
C LYS A 109 4.56 -1.60 5.05
N ARG A 110 4.14 -2.85 5.09
CA ARG A 110 2.97 -3.30 5.87
CA ARG A 110 2.97 -3.29 5.88
C ARG A 110 3.44 -4.29 6.91
N LYS A 111 3.02 -4.11 8.15
CA LYS A 111 3.42 -5.02 9.20
C LYS A 111 2.28 -5.18 10.19
N ARG A 112 2.20 -6.36 10.72
CA ARG A 112 1.21 -6.67 11.76
C ARG A 112 1.80 -6.23 13.09
N GLU A 113 1.01 -5.45 13.84
CA GLU A 113 1.40 -4.99 15.16
C GLU A 113 0.14 -5.08 16.03
N ASP A 114 0.18 -5.96 17.03
CA ASP A 114 -1.01 -6.23 17.84
C ASP A 114 -2.13 -6.63 16.87
N ASP A 115 -3.34 -6.07 16.99
CA ASP A 115 -4.45 -6.42 16.11
C ASP A 115 -4.57 -5.56 14.87
N LYS A 116 -3.55 -4.74 14.64
CA LYS A 116 -3.55 -3.80 13.52
C LYS A 116 -2.62 -4.22 12.44
N LEU A 117 -2.87 -3.65 11.28
CA LEU A 117 -1.95 -3.73 10.18
CA LEU A 117 -1.95 -3.71 10.16
C LEU A 117 -1.49 -2.27 9.98
N VAL A 118 -0.20 -2.03 10.18
CA VAL A 118 0.37 -0.72 10.13
C VAL A 118 1.09 -0.56 8.82
N VAL A 119 0.80 0.53 8.12
CA VAL A 119 1.34 0.82 6.83
C VAL A 119 2.21 2.07 6.90
N GLU A 120 3.47 1.95 6.53
CA GLU A 120 4.41 3.06 6.52
C GLU A 120 4.81 3.32 5.09
N CYS A 121 4.59 4.53 4.61
CA CYS A 121 4.87 4.95 3.25
CA CYS A 121 5.00 4.83 3.28
C CYS A 121 5.97 5.98 3.30
N VAL A 122 7.04 5.81 2.53
CA VAL A 122 8.17 6.74 2.56
C VAL A 122 8.50 7.20 1.15
N MET A 123 8.68 8.51 1.02
CA MET A 123 9.10 9.14 -0.28
C MET A 123 10.15 10.17 0.19
N LYS A 124 11.41 9.94 -0.22
CA LYS A 124 12.54 10.65 0.25
C LYS A 124 12.56 10.70 1.81
N GLY A 125 12.50 11.86 2.37
CA GLY A 125 12.48 11.97 3.83
C GLY A 125 11.12 12.06 4.44
N VAL A 126 10.04 11.93 3.65
CA VAL A 126 8.70 12.08 4.16
C VAL A 126 8.02 10.73 4.38
N THR A 127 7.58 10.44 5.60
CA THR A 127 6.92 9.22 5.99
C THR A 127 5.50 9.51 6.43
N SER A 128 4.63 8.65 6.03
CA SER A 128 3.28 8.62 6.49
C SER A 128 2.97 7.28 7.07
N THR A 129 2.17 7.27 8.14
CA THR A 129 1.76 6.07 8.80
C THR A 129 0.22 5.99 8.78
N ARG A 130 -0.28 4.88 8.32
CA ARG A 130 -1.70 4.58 8.16
C ARG A 130 -1.96 3.30 8.92
N VAL A 131 -2.99 3.28 9.76
CA VAL A 131 -3.29 2.15 10.58
C VAL A 131 -4.65 1.57 10.12
N TYR A 132 -4.67 0.26 9.92
CA TYR A 132 -5.85 -0.50 9.57
C TYR A 132 -6.21 -1.47 10.70
N GLU A 133 -7.48 -1.71 10.88
CA GLU A 133 -7.99 -2.67 11.85
CA GLU A 133 -7.89 -2.76 11.82
C GLU A 133 -8.84 -3.70 11.11
N ARG A 134 -9.08 -4.86 11.70
CA ARG A 134 -9.97 -5.83 11.00
C ARG A 134 -11.35 -5.24 10.84
N ALA A 135 -11.95 -5.50 9.68
CA ALA A 135 -13.30 -5.05 9.37
C ALA A 135 -14.34 -5.92 10.06
C11 K0U B . -2.48 3.90 0.44
C13 K0U B . -1.22 4.45 1.07
C15 K0U B . -0.29 5.06 0.02
C1 K0U B . -6.75 3.35 -2.72
C2 K0U B . -5.51 2.72 -2.59
C3 K0U B . -4.83 4.48 -1.02
C4 K0U B . -6.00 5.12 -1.26
C5 K0U B . -4.54 3.29 -1.71
C6 K0U B . -6.97 4.53 -2.03
CL7 K0U B . -8.09 2.70 -3.62
CL8 K0U B . -5.06 1.26 -3.40
S9 K0U B . -3.58 5.22 -0.04
CL10 K0U B . -6.35 6.63 -0.51
C12 K0U B . -3.12 2.94 1.36
C14 K0U B . -0.57 3.40 1.90
O16 K0U B . -3.69 3.32 2.45
O17 K0U B . -3.15 1.71 0.96
S SO4 C . -5.26 -12.21 14.51
O1 SO4 C . -5.46 -13.53 15.17
O2 SO4 C . -6.66 -11.67 14.16
O3 SO4 C . -4.49 -11.31 15.37
O4 SO4 C . -4.52 -12.34 13.21
C11 K0U D . -0.35 2.31 -4.37
C13 K0U D . -0.47 1.29 -3.27
C15 K0U D . -1.10 0.01 -3.72
C1 K0U D . -1.77 7.71 -3.32
C2 K0U D . -2.48 6.58 -3.61
C3 K0U D . -0.48 5.23 -3.54
C4 K0U D . 0.22 6.39 -3.25
C5 K0U D . -1.85 5.32 -3.73
C6 K0U D . -0.41 7.61 -3.14
CL7 K0U D . -2.55 9.25 -3.18
CL8 K0U D . -4.18 6.75 -3.79
S9 K0U D . 0.43 3.72 -3.68
CL10 K0U D . 1.92 6.32 -2.97
C12 K0U D . -1.64 2.64 -5.08
C14 K0U D . -1.20 1.89 -2.11
O16 K0U D . -2.13 3.78 -5.16
O17 K0U D . -2.25 1.76 -5.68
C1 K0U E . -3.23 7.94 -3.77
C2 K0U E . -3.63 6.88 -2.96
C3 K0U E . -1.33 6.48 -2.51
C4 K0U E . -0.99 7.55 -3.28
C5 K0U E . -2.65 6.13 -2.35
C6 K0U E . -1.91 8.27 -3.93
CL7 K0U E . -4.34 8.94 -4.64
CL8 K0U E . -5.35 6.60 -2.93
S9 K0U E . -0.16 5.51 -1.66
CL10 K0U E . 0.59 8.11 -3.48
C11 A1CK4 F . -0.70 2.36 -3.63
C13 A1CK4 F . -0.02 1.19 -2.94
C15 A1CK4 F . -0.75 -0.11 -3.10
C1 A1CK4 F . -1.80 7.70 -3.31
C2 A1CK4 F . -2.49 6.58 -3.60
C3 A1CK4 F . -0.47 5.24 -3.53
C4 A1CK4 F . 0.21 6.40 -3.23
C5 A1CK4 F . -1.84 5.34 -3.72
C6 A1CK4 F . -0.43 7.62 -3.12
CL7 A1CK4 F . -2.56 9.24 -3.17
CL8 A1CK4 F . -4.19 6.73 -3.78
S9 A1CK4 F . 0.43 3.71 -3.67
CL10 A1CK4 F . 1.91 6.32 -2.95
C12 A1CK4 F . -1.13 2.00 -5.02
C14 A1CK4 F . 0.19 1.45 -1.46
O16 A1CK4 F . -1.68 0.86 -5.21
O17 A1CK4 F . -1.05 2.84 -5.94
C FMT G . 12.61 4.89 -1.47
O1 FMT G . 11.71 5.50 -0.53
O2 FMT G . 11.89 3.80 -2.16
S SO4 H . -3.34 12.88 6.86
O1 SO4 H . -4.72 12.47 6.38
O2 SO4 H . -2.69 11.72 7.19
O3 SO4 H . -3.52 13.66 8.13
O4 SO4 H . -2.75 13.95 5.84
#